data_7HKP
#
_entry.id   7HKP
#
_cell.length_a   82.344
_cell.length_b   115.570
_cell.length_c   147.292
_cell.angle_alpha   90.00
_cell.angle_beta   90.00
_cell.angle_gamma   90.00
#
_symmetry.space_group_name_H-M   'I 2 2 2'
#
loop_
_entity.id
_entity.type
_entity.pdbx_description
1 polymer 'Genome polyprotein'
2 non-polymer 'ZINC ION'
3 non-polymer '2-(N-MORPHOLINO)-ETHANESULFONIC ACID'
4 non-polymer 'DIMETHYL SULFOXIDE'
5 non-polymer 'PHOSPHATE ION'
6 non-polymer DI(HYDROXYETHYL)ETHER
7 non-polymer 4-fluoro-1H-pyrazole
8 water water
#
_entity_poly.entity_id   1
_entity_poly.type   'polypeptide(L)'
_entity_poly.pdbx_seq_one_letter_code
;GPGIESETPNLDIIGKRIEKIKQEHETSWHYDQDHPYKTWAYHGSYETKQTGSASSMVNGVVRLLTKPWDIIPMVTQMAM
TDTTPFGQQRVFKEKVDTRTQEPKEGTKKLMKITAEWLWKELGKKKTPRMCTREEFTRKVRSNAALGAIFTDENKWKSAR
EAVEDSGFWELVDKERNLHLEGKCETCVYNMMGKREKKLGEFGKAKGSRAIWYMWLGARFLEFEALGFLNEDHWFSRENS
LSGVEGEGLHKLGYILRDVSKKEGGAMYADDTAGWDTRITLEDLKNEEMVTNHMEGEHKKLAEAIFKLTYQNKVVRVQRP
TPRGTVMDIISRRDQRGSGQVVTYGLNTFTNMEAQLIRQMEGEGVFKSIQHLTVTEEIAVKNWLVRVGRERLSRMAISGD
DCVVKPLDDRFASALTALNDMGKVRKDIQQWEPSRGWNDWTQVPFCSHHFHELIMKDGRVLVVPCRNQDELIGRARISQG
AGWSLRETACLGKSYAQMWSLMYFHRRDLRLAANAICSAVPSHWVPTSRTTWSIHATHEWMTTEDMLTVWNRVWIQENPW
MEDKTPVESWEEIPYLGKREDQWCGSLIGLTSRATWAKNIQTAINQVRSLIGNEEYTDYMPSMKRFRREEEEAGVLW
;
_entity_poly.pdbx_strand_id   A
#
loop_
_chem_comp.id
_chem_comp.type
_chem_comp.name
_chem_comp.formula
A1BDI non-polymer 4-fluoro-1H-pyrazole 'C3 H3 F N2'
DMS non-polymer 'DIMETHYL SULFOXIDE' 'C2 H6 O S'
MES non-polymer '2-(N-MORPHOLINO)-ETHANESULFONIC ACID' 'C6 H13 N O4 S'
PEG non-polymer DI(HYDROXYETHYL)ETHER 'C4 H10 O3'
PO4 non-polymer 'PHOSPHATE ION' 'O4 P -3'
ZN non-polymer 'ZINC ION' 'Zn 2'
#
# COMPACT_ATOMS: atom_id res chain seq x y z
N ASN A 10 -3.59 12.21 28.00
CA ASN A 10 -2.41 13.13 28.02
C ASN A 10 -1.32 12.52 28.92
N LEU A 11 -0.68 13.32 29.78
CA LEU A 11 0.75 13.15 30.19
C LEU A 11 0.95 11.95 31.13
N ASP A 12 -0.10 11.42 31.75
CA ASP A 12 0.05 10.22 32.61
C ASP A 12 0.39 9.03 31.71
N ILE A 13 -0.24 8.93 30.52
CA ILE A 13 -0.10 7.78 29.57
C ILE A 13 1.22 7.88 28.79
N ILE A 14 1.74 9.08 28.54
CA ILE A 14 2.95 9.29 27.69
C ILE A 14 4.17 9.58 28.56
N GLY A 15 3.98 10.15 29.77
CA GLY A 15 5.05 10.65 30.66
C GLY A 15 6.18 9.65 30.84
N LYS A 16 5.85 8.40 31.15
CA LYS A 16 6.82 7.30 31.40
C LYS A 16 7.74 7.17 30.18
N ARG A 17 7.16 6.99 28.99
CA ARG A 17 7.88 6.92 27.69
C ARG A 17 8.85 8.11 27.58
N ILE A 18 8.38 9.30 27.97
CA ILE A 18 9.15 10.59 27.91
C ILE A 18 10.26 10.56 28.96
N GLU A 19 9.91 10.39 30.24
CA GLU A 19 10.85 10.38 31.40
C GLU A 19 12.01 9.40 31.13
N LYS A 20 11.73 8.25 30.50
CA LYS A 20 12.75 7.23 30.16
C LYS A 20 13.73 7.77 29.11
N ILE A 21 13.22 8.44 28.07
CA ILE A 21 14.04 9.04 26.98
C ILE A 21 14.86 10.19 27.58
N LYS A 22 14.20 11.06 28.35
CA LYS A 22 14.81 12.22 29.04
C LYS A 22 16.06 11.76 29.80
N GLN A 23 15.95 10.69 30.59
CA GLN A 23 17.02 10.18 31.51
C GLN A 23 18.21 9.59 30.73
N GLU A 24 17.97 8.90 29.61
CA GLU A 24 19.04 8.30 28.77
C GLU A 24 19.79 9.40 28.01
N HIS A 25 19.28 10.64 28.04
CA HIS A 25 19.93 11.84 27.44
C HIS A 25 19.89 13.01 28.45
N GLU A 26 20.21 12.73 29.72
CA GLU A 26 20.17 13.68 30.88
C GLU A 26 21.26 14.74 30.71
N THR A 27 22.32 14.42 29.96
CA THR A 27 23.46 15.32 29.64
C THR A 27 23.14 16.21 28.44
N SER A 28 21.88 16.25 27.95
CA SER A 28 21.47 17.04 26.75
C SER A 28 20.12 17.75 26.91
N TRP A 29 19.25 17.35 27.85
CA TRP A 29 17.83 17.81 27.91
C TRP A 29 17.75 19.35 27.85
N HIS A 30 16.79 19.90 27.10
CA HIS A 30 16.50 21.36 27.02
C HIS A 30 15.13 21.61 26.39
N TYR A 31 14.30 22.44 27.04
CA TYR A 31 12.97 22.86 26.54
C TYR A 31 13.14 24.05 25.59
N ASP A 32 13.58 23.78 24.37
CA ASP A 32 13.86 24.78 23.30
C ASP A 32 12.63 25.68 23.12
N GLN A 33 12.87 26.98 22.90
CA GLN A 33 11.84 28.06 22.86
C GLN A 33 11.51 28.45 21.43
N ASP A 34 12.38 28.12 20.46
CA ASP A 34 12.16 28.33 19.01
C ASP A 34 11.82 26.98 18.36
N HIS A 35 10.89 26.22 18.97
CA HIS A 35 10.36 24.92 18.45
C HIS A 35 9.23 25.22 17.47
N PRO A 36 9.26 24.61 16.25
CA PRO A 36 8.29 24.94 15.20
C PRO A 36 6.87 24.37 15.38
N TYR A 37 6.66 23.52 16.39
CA TYR A 37 5.41 22.75 16.59
C TYR A 37 4.34 23.68 17.14
N LYS A 38 3.18 23.71 16.47
CA LYS A 38 1.92 24.29 17.01
C LYS A 38 1.00 23.13 17.39
N THR A 39 0.67 22.27 16.42
CA THR A 39 -0.37 21.20 16.49
C THR A 39 0.12 20.00 17.30
N TRP A 40 1.43 19.68 17.20
CA TRP A 40 2.15 18.68 18.03
C TRP A 40 2.54 19.32 19.37
N ALA A 41 2.23 18.67 20.49
CA ALA A 41 2.81 18.95 21.84
C ALA A 41 4.32 18.67 21.80
N TYR A 42 5.11 19.61 22.33
CA TYR A 42 6.59 19.55 22.34
C TYR A 42 7.10 19.44 23.79
N HIS A 43 7.92 18.42 24.07
CA HIS A 43 8.30 18.14 25.48
C HIS A 43 9.77 18.42 25.79
N GLY A 44 10.66 18.39 24.80
CA GLY A 44 12.10 18.64 25.03
C GLY A 44 12.95 18.18 23.87
N SER A 45 14.29 18.22 24.03
CA SER A 45 15.29 17.91 22.97
C SER A 45 16.55 17.28 23.57
N TYR A 46 17.43 16.75 22.71
CA TYR A 46 18.78 16.20 23.06
C TYR A 46 19.64 16.14 21.79
N GLU A 47 20.96 15.93 21.92
CA GLU A 47 21.96 16.00 20.80
C GLU A 47 21.97 14.69 20.00
N THR A 48 21.96 14.79 18.67
CA THR A 48 22.23 13.68 17.70
C THR A 48 22.95 14.28 16.48
N LYS A 49 23.20 13.47 15.44
CA LYS A 49 23.82 13.91 14.15
C LYS A 49 23.86 12.74 13.18
N GLN A 50 22.98 12.72 12.16
CA GLN A 50 22.89 11.63 11.15
C GLN A 50 22.09 12.11 9.93
N THR A 51 21.98 11.27 8.89
CA THR A 51 21.38 11.54 7.55
C THR A 51 20.69 12.92 7.55
N ALA A 54 19.30 8.13 3.42
CA ALA A 54 19.44 6.99 2.48
C ALA A 54 18.78 7.34 1.13
N SER A 55 19.59 7.63 0.10
CA SER A 55 19.14 8.08 -1.25
C SER A 55 19.06 6.90 -2.22
N SER A 56 18.24 7.05 -3.28
CA SER A 56 17.99 6.05 -4.34
C SER A 56 19.21 5.95 -5.27
N MET A 57 19.59 4.73 -5.65
CA MET A 57 20.75 4.43 -6.55
C MET A 57 20.23 3.88 -7.88
N VAL A 58 21.00 3.98 -8.96
CA VAL A 58 20.56 3.42 -10.28
C VAL A 58 21.05 1.96 -10.41
N ASN A 59 20.13 1.08 -10.81
CA ASN A 59 20.36 -0.31 -11.23
C ASN A 59 20.92 -0.31 -12.65
N GLY A 60 22.21 -0.59 -12.78
CA GLY A 60 22.92 -0.49 -14.06
C GLY A 60 22.49 -1.54 -15.06
N VAL A 61 22.09 -2.72 -14.57
CA VAL A 61 21.67 -3.84 -15.45
C VAL A 61 20.45 -3.37 -16.24
N VAL A 62 19.44 -2.85 -15.55
CA VAL A 62 18.18 -2.33 -16.16
C VAL A 62 18.54 -1.14 -17.06
N ARG A 63 19.34 -0.18 -16.57
CA ARG A 63 19.63 1.04 -17.34
C ARG A 63 20.35 0.70 -18.64
N LEU A 64 21.31 -0.22 -18.63
CA LEU A 64 22.08 -0.55 -19.87
C LEU A 64 21.15 -1.16 -20.92
N LEU A 65 20.12 -1.89 -20.50
CA LEU A 65 19.18 -2.58 -21.45
C LEU A 65 17.96 -1.71 -21.76
N THR A 66 17.92 -0.45 -21.30
CA THR A 66 16.85 0.53 -21.63
C THR A 66 17.49 1.85 -22.07
N LYS A 67 18.39 1.80 -23.05
CA LYS A 67 19.20 2.97 -23.47
C LYS A 67 18.32 4.08 -24.06
N PRO A 68 17.30 3.81 -24.90
CA PRO A 68 16.48 4.89 -25.42
C PRO A 68 15.93 5.80 -24.31
N TRP A 69 15.74 5.26 -23.09
CA TRP A 69 15.10 6.04 -21.99
C TRP A 69 16.12 6.91 -21.26
N ASP A 70 17.40 6.87 -21.65
CA ASP A 70 18.46 7.71 -21.04
C ASP A 70 18.24 9.20 -21.32
N ILE A 71 17.40 9.55 -22.31
CA ILE A 71 17.17 10.95 -22.77
C ILE A 71 15.72 11.39 -22.52
N ILE A 72 14.89 10.54 -21.90
CA ILE A 72 13.50 10.88 -21.48
C ILE A 72 13.56 11.46 -20.07
N PRO A 73 13.41 12.80 -19.88
CA PRO A 73 13.44 13.41 -18.56
C PRO A 73 12.52 12.80 -17.51
N MET A 74 11.30 12.39 -17.89
CA MET A 74 10.35 11.73 -16.97
C MET A 74 10.99 10.49 -16.33
N VAL A 75 11.77 9.71 -17.10
CA VAL A 75 12.53 8.52 -16.60
C VAL A 75 13.72 9.00 -15.77
N THR A 76 14.61 9.82 -16.34
CA THR A 76 15.92 10.17 -15.72
C THR A 76 15.70 10.94 -14.41
N GLN A 77 14.68 11.79 -14.31
CA GLN A 77 14.42 12.64 -13.12
C GLN A 77 14.00 11.79 -11.93
N MET A 78 13.32 10.66 -12.14
CA MET A 78 12.81 9.81 -11.03
C MET A 78 13.93 9.38 -10.10
N ALA A 79 15.18 9.36 -10.59
CA ALA A 79 16.33 8.74 -9.89
C ALA A 79 17.16 9.76 -9.08
N MET A 80 16.84 11.05 -9.16
CA MET A 80 17.59 12.14 -8.47
C MET A 80 16.95 12.43 -7.10
N THR A 81 17.69 13.06 -6.17
CA THR A 81 17.14 13.66 -4.93
C THR A 81 18.14 13.60 -3.77
N PHE A 92 4.08 16.35 2.46
CA PHE A 92 4.37 17.66 3.11
C PHE A 92 4.49 17.45 4.63
N LYS A 93 5.65 17.75 5.23
CA LYS A 93 5.88 17.72 6.70
C LYS A 93 5.28 19.00 7.32
N GLU A 94 4.86 19.94 6.46
CA GLU A 94 4.05 21.15 6.82
C GLU A 94 2.57 20.84 6.58
N LYS A 95 2.24 19.55 6.44
CA LYS A 95 0.85 19.01 6.43
C LYS A 95 0.66 17.99 7.56
N VAL A 96 1.74 17.43 8.11
CA VAL A 96 1.70 16.60 9.36
C VAL A 96 1.49 17.54 10.55
N ASP A 97 1.96 18.80 10.45
CA ASP A 97 1.70 19.86 11.46
C ASP A 97 0.44 20.62 11.03
N THR A 98 -0.67 19.91 10.79
CA THR A 98 -2.06 20.45 10.59
C THR A 98 -2.97 19.81 11.65
N ARG A 99 -4.26 20.20 11.70
CA ARG A 99 -5.21 19.78 12.76
C ARG A 99 -6.64 19.68 12.21
N THR A 100 -7.24 18.48 12.28
CA THR A 100 -8.64 18.21 11.86
C THR A 100 -9.58 18.51 13.03
N GLN A 101 -10.78 19.01 12.74
CA GLN A 101 -11.80 19.40 13.75
C GLN A 101 -12.64 18.18 14.11
N GLU A 102 -13.04 18.06 15.38
CA GLU A 102 -14.02 17.05 15.88
C GLU A 102 -15.29 17.21 15.03
N PRO A 103 -15.75 16.15 14.34
CA PRO A 103 -16.98 16.25 13.54
C PRO A 103 -18.19 16.69 14.38
N LYS A 104 -19.25 17.17 13.72
CA LYS A 104 -20.60 17.36 14.34
C LYS A 104 -21.04 16.04 14.99
N GLU A 105 -22.03 16.12 15.89
CA GLU A 105 -22.57 14.97 16.67
C GLU A 105 -23.28 13.99 15.73
N GLY A 106 -23.95 14.47 14.69
CA GLY A 106 -24.67 13.63 13.71
C GLY A 106 -23.71 12.79 12.89
N THR A 107 -22.59 13.38 12.48
CA THR A 107 -21.46 12.67 11.81
C THR A 107 -20.92 11.56 12.73
N LYS A 108 -20.58 11.89 13.99
CA LYS A 108 -20.10 10.93 15.02
C LYS A 108 -21.10 9.77 15.20
N LYS A 109 -22.40 10.04 15.17
CA LYS A 109 -23.42 8.96 15.33
C LYS A 109 -23.39 8.03 14.10
N LEU A 110 -23.39 8.61 12.89
CA LEU A 110 -23.33 7.89 11.58
C LEU A 110 -22.09 6.97 11.57
N MET A 111 -20.94 7.49 11.99
CA MET A 111 -19.63 6.79 12.01
C MET A 111 -19.65 5.66 13.06
N LYS A 112 -20.15 5.91 14.27
CA LYS A 112 -20.20 4.88 15.35
C LYS A 112 -21.09 3.71 14.87
N ILE A 113 -22.28 3.99 14.34
CA ILE A 113 -23.28 2.97 13.92
C ILE A 113 -22.72 2.14 12.77
N THR A 114 -22.08 2.80 11.79
CA THR A 114 -21.55 2.16 10.55
C THR A 114 -20.36 1.28 10.93
N ALA A 115 -19.48 1.79 11.79
CA ALA A 115 -18.30 1.08 12.32
C ALA A 115 -18.77 -0.19 13.04
N GLU A 116 -19.72 -0.06 13.98
CA GLU A 116 -20.32 -1.20 14.73
C GLU A 116 -20.80 -2.25 13.71
N TRP A 117 -21.63 -1.86 12.75
CA TRP A 117 -22.22 -2.77 11.74
C TRP A 117 -21.12 -3.40 10.88
N LEU A 118 -20.05 -2.67 10.58
CA LEU A 118 -19.03 -3.14 9.59
C LEU A 118 -18.12 -4.20 10.24
N TRP A 119 -17.65 -3.95 11.47
CA TRP A 119 -16.90 -4.95 12.28
C TRP A 119 -17.72 -6.25 12.46
N LYS A 120 -19.01 -6.17 12.77
CA LYS A 120 -19.88 -7.38 12.82
C LYS A 120 -19.78 -8.09 11.47
N GLU A 121 -19.95 -7.39 10.35
CA GLU A 121 -19.96 -8.05 9.01
C GLU A 121 -18.62 -8.73 8.76
N LEU A 122 -17.54 -8.02 9.03
CA LEU A 122 -16.16 -8.50 8.76
C LEU A 122 -15.86 -9.73 9.63
N GLY A 123 -16.39 -9.72 10.87
CA GLY A 123 -16.16 -10.75 11.89
C GLY A 123 -17.12 -11.93 11.82
N LYS A 124 -18.05 -11.96 10.85
CA LYS A 124 -19.11 -13.01 10.77
C LYS A 124 -18.47 -14.36 10.47
N LYS A 125 -17.47 -14.40 9.59
CA LYS A 125 -16.79 -15.64 9.16
C LYS A 125 -15.30 -15.52 9.49
N LYS A 126 -14.95 -14.79 10.55
CA LYS A 126 -13.55 -14.66 11.02
C LYS A 126 -13.50 -14.67 12.55
N THR A 127 -12.43 -15.28 13.07
CA THR A 127 -12.06 -15.34 14.49
C THR A 127 -10.82 -14.49 14.71
N PRO A 128 -10.94 -13.36 15.42
CA PRO A 128 -9.77 -12.63 15.90
C PRO A 128 -8.88 -13.59 16.71
N ARG A 129 -7.57 -13.42 16.61
CA ARG A 129 -6.61 -14.33 17.28
C ARG A 129 -5.26 -13.64 17.32
N MET A 130 -4.46 -13.96 18.33
CA MET A 130 -3.09 -13.41 18.48
C MET A 130 -2.20 -14.04 17.40
N CYS A 131 -1.28 -13.26 16.85
CA CYS A 131 -0.17 -13.78 16.01
C CYS A 131 1.01 -14.11 16.94
N THR A 132 1.94 -14.93 16.48
CA THR A 132 2.92 -15.67 17.34
C THR A 132 4.35 -15.20 17.05
N ARG A 133 5.22 -15.27 18.06
CA ARG A 133 6.69 -15.11 17.95
C ARG A 133 7.19 -15.88 16.72
N GLU A 134 6.66 -17.09 16.53
CA GLU A 134 7.07 -18.00 15.44
C GLU A 134 6.72 -17.34 14.11
N GLU A 135 5.46 -16.97 13.90
CA GLU A 135 4.95 -16.28 12.66
C GLU A 135 5.82 -15.06 12.34
N PHE A 136 6.14 -14.27 13.38
CA PHE A 136 6.90 -13.00 13.31
C PHE A 136 8.34 -13.28 12.86
N THR A 137 8.94 -14.34 13.43
CA THR A 137 10.32 -14.83 13.16
C THR A 137 10.42 -15.24 11.68
N ARG A 138 9.50 -16.06 11.17
CA ARG A 138 9.47 -16.44 9.73
C ARG A 138 9.35 -15.17 8.88
N LYS A 139 8.54 -14.20 9.31
CA LYS A 139 8.35 -12.92 8.59
C LYS A 139 9.72 -12.25 8.38
N VAL A 140 10.47 -12.00 9.46
CA VAL A 140 11.78 -11.25 9.41
C VAL A 140 12.78 -12.07 8.58
N ARG A 141 12.77 -13.40 8.75
CA ARG A 141 13.77 -14.33 8.16
C ARG A 141 13.56 -14.45 6.65
N SER A 142 12.53 -13.81 6.08
CA SER A 142 12.27 -13.79 4.61
C SER A 142 11.94 -12.37 4.11
N ASN A 143 12.34 -11.33 4.85
CA ASN A 143 12.42 -9.92 4.40
C ASN A 143 11.06 -9.38 3.93
N ALA A 144 10.12 -9.20 4.86
CA ALA A 144 8.97 -8.27 4.71
C ALA A 144 9.40 -6.94 5.36
N ALA A 145 9.10 -5.81 4.72
CA ALA A 145 9.31 -4.46 5.30
C ALA A 145 8.41 -4.31 6.53
N LEU A 146 8.97 -4.45 7.73
CA LEU A 146 8.23 -4.33 9.02
C LEU A 146 8.49 -2.98 9.69
N GLY A 147 9.37 -2.16 9.11
CA GLY A 147 9.67 -0.78 9.56
C GLY A 147 10.11 -0.75 11.02
N ALA A 148 11.05 -1.62 11.41
CA ALA A 148 11.73 -1.61 12.72
C ALA A 148 13.02 -0.78 12.62
N ILE A 149 13.81 -0.68 13.71
CA ILE A 149 15.13 0.02 13.74
C ILE A 149 16.23 -0.99 14.11
N PHE A 150 17.48 -0.70 13.75
CA PHE A 150 18.67 -1.58 13.92
C PHE A 150 18.66 -2.23 15.32
N ASN A 154 20.49 1.35 19.94
CA ASN A 154 20.52 0.00 19.31
C ASN A 154 21.19 -1.00 20.27
N LYS A 155 21.32 -2.27 19.86
CA LYS A 155 21.84 -3.40 20.67
C LYS A 155 22.11 -4.63 19.79
N TRP A 156 21.35 -4.79 18.68
CA TRP A 156 21.57 -5.78 17.58
C TRP A 156 21.73 -5.05 16.25
N LYS A 157 22.39 -5.66 15.27
CA LYS A 157 22.56 -5.11 13.89
C LYS A 157 21.18 -5.07 13.22
N SER A 158 20.80 -6.14 12.51
CA SER A 158 19.53 -6.23 11.74
C SER A 158 18.40 -6.70 12.68
N ALA A 159 17.22 -6.94 12.10
CA ALA A 159 16.06 -7.57 12.77
C ALA A 159 16.29 -9.09 12.84
N ARG A 160 16.92 -9.64 11.80
CA ARG A 160 17.28 -11.07 11.67
C ARG A 160 18.00 -11.55 12.94
N GLU A 161 18.83 -10.70 13.57
CA GLU A 161 19.68 -11.04 14.75
C GLU A 161 18.82 -11.14 16.02
N ALA A 162 18.14 -10.05 16.38
CA ALA A 162 17.40 -9.86 17.67
C ALA A 162 16.40 -10.99 17.90
N VAL A 163 15.88 -11.57 16.81
CA VAL A 163 14.77 -12.58 16.80
C VAL A 163 15.27 -13.92 17.36
N GLU A 164 16.57 -14.25 17.18
CA GLU A 164 17.17 -15.53 17.63
C GLU A 164 17.70 -15.41 19.07
N ASP A 165 17.93 -14.17 19.53
CA ASP A 165 18.46 -13.85 20.89
C ASP A 165 17.30 -13.81 21.89
N SER A 166 17.36 -14.66 22.91
CA SER A 166 16.32 -14.83 23.97
C SER A 166 16.19 -13.56 24.83
N GLY A 167 17.21 -12.69 24.84
CA GLY A 167 17.23 -11.43 25.61
C GLY A 167 16.21 -10.43 25.09
N PHE A 168 16.19 -10.23 23.77
CA PHE A 168 15.13 -9.48 23.03
C PHE A 168 13.76 -9.80 23.65
N TRP A 169 13.34 -11.06 23.57
CA TRP A 169 12.00 -11.54 23.97
C TRP A 169 11.73 -11.23 25.45
N GLU A 170 12.78 -11.20 26.28
CA GLU A 170 12.65 -10.78 27.71
C GLU A 170 12.25 -9.29 27.74
N LEU A 171 12.87 -8.45 26.90
CA LEU A 171 12.49 -7.03 26.75
C LEU A 171 11.02 -6.95 26.31
N VAL A 172 10.67 -7.71 25.27
CA VAL A 172 9.27 -7.84 24.77
C VAL A 172 8.35 -8.16 25.95
N ASP A 173 8.70 -9.19 26.75
CA ASP A 173 7.86 -9.69 27.87
C ASP A 173 7.66 -8.59 28.92
N LYS A 174 8.71 -7.83 29.22
CA LYS A 174 8.66 -6.73 30.21
C LYS A 174 7.58 -5.76 29.76
N GLU A 175 7.71 -5.26 28.52
CA GLU A 175 6.79 -4.31 27.85
C GLU A 175 5.38 -4.91 27.79
N ARG A 176 5.30 -6.17 27.36
CA ARG A 176 4.03 -6.93 27.21
C ARG A 176 3.26 -6.93 28.53
N ASN A 177 3.94 -7.24 29.64
CA ASN A 177 3.34 -7.27 31.01
C ASN A 177 2.99 -5.85 31.43
N LEU A 178 3.84 -4.88 31.05
CA LEU A 178 3.56 -3.43 31.19
C LEU A 178 2.24 -3.08 30.49
N HIS A 179 2.06 -3.49 29.23
CA HIS A 179 0.81 -3.24 28.47
C HIS A 179 -0.42 -3.81 29.21
N LEU A 180 -0.32 -5.01 29.77
CA LEU A 180 -1.42 -5.66 30.54
C LEU A 180 -1.68 -4.85 31.81
N GLU A 181 -0.62 -4.25 32.37
CA GLU A 181 -0.66 -3.35 33.57
C GLU A 181 -1.33 -2.02 33.19
N GLY A 182 -1.43 -1.71 31.88
CA GLY A 182 -2.09 -0.50 31.33
C GLY A 182 -1.11 0.65 31.15
N LYS A 183 0.19 0.38 31.15
CA LYS A 183 1.25 1.41 30.98
C LYS A 183 2.11 1.04 29.77
N CYS A 184 2.99 1.95 29.36
CA CYS A 184 3.89 1.80 28.17
C CYS A 184 5.21 2.51 28.45
N GLU A 185 6.32 1.97 27.95
CA GLU A 185 7.69 2.45 28.25
C GLU A 185 8.47 2.69 26.95
N THR A 186 8.46 1.74 26.00
CA THR A 186 9.47 1.68 24.91
C THR A 186 8.81 1.75 23.52
N CYS A 187 7.52 2.07 23.42
CA CYS A 187 6.77 2.12 22.14
C CYS A 187 6.71 3.57 21.64
N VAL A 188 7.78 4.02 20.99
CA VAL A 188 8.01 5.43 20.57
C VAL A 188 8.30 5.47 19.06
N TYR A 189 7.62 6.39 18.37
CA TYR A 189 7.69 6.53 16.88
C TYR A 189 8.90 7.38 16.51
N ASN A 190 9.54 7.04 15.39
CA ASN A 190 10.68 7.78 14.78
C ASN A 190 10.25 8.25 13.38
N MET A 191 10.23 9.56 13.15
CA MET A 191 9.69 10.21 11.93
C MET A 191 10.75 10.19 10.83
N MET A 192 10.32 10.21 9.56
CA MET A 192 11.18 10.14 8.34
C MET A 192 10.29 10.07 7.08
N SER A 208 4.31 13.49 -0.30
CA SER A 208 3.15 13.08 0.53
C SER A 208 3.40 11.69 1.13
N ARG A 209 4.53 11.52 1.82
CA ARG A 209 4.89 10.28 2.58
C ARG A 209 5.60 10.70 3.88
N ALA A 210 5.47 9.89 4.94
CA ALA A 210 6.14 10.07 6.25
C ALA A 210 6.05 8.77 7.05
N ILE A 211 7.18 8.06 7.21
CA ILE A 211 7.24 6.64 7.65
C ILE A 211 7.71 6.59 9.11
N TRP A 212 6.83 6.18 10.03
CA TRP A 212 7.09 6.18 11.50
C TRP A 212 7.58 4.80 11.94
N TYR A 213 8.90 4.61 12.02
CA TYR A 213 9.58 3.38 12.50
C TYR A 213 9.44 3.29 14.03
N MET A 214 9.29 2.05 14.55
CA MET A 214 9.40 1.72 16.00
C MET A 214 10.49 0.65 16.15
N TRP A 215 11.00 0.42 17.37
CA TRP A 215 11.96 -0.69 17.61
C TRP A 215 11.22 -2.01 17.43
N LEU A 216 11.91 -3.00 16.87
CA LEU A 216 11.33 -4.28 16.41
C LEU A 216 10.37 -4.84 17.46
N GLY A 217 10.70 -4.68 18.75
CA GLY A 217 9.92 -5.22 19.87
C GLY A 217 8.50 -4.67 19.91
N ALA A 218 8.34 -3.36 19.75
CA ALA A 218 7.03 -2.69 19.69
C ALA A 218 6.29 -3.12 18.42
N ARG A 219 7.01 -3.32 17.31
CA ARG A 219 6.45 -3.88 16.05
C ARG A 219 5.90 -5.28 16.29
N PHE A 220 6.60 -6.09 17.09
CA PHE A 220 6.12 -7.46 17.45
C PHE A 220 4.78 -7.35 18.18
N LEU A 221 4.72 -6.52 19.23
CA LEU A 221 3.51 -6.35 20.10
C LEU A 221 2.33 -5.81 19.28
N GLU A 222 2.59 -4.90 18.34
CA GLU A 222 1.55 -4.44 17.39
C GLU A 222 1.05 -5.63 16.56
N PHE A 223 1.99 -6.47 16.08
CA PHE A 223 1.72 -7.63 15.17
C PHE A 223 0.95 -8.72 15.91
N GLU A 224 1.34 -9.00 17.14
CA GLU A 224 0.67 -9.95 18.07
C GLU A 224 -0.81 -9.60 18.16
N ALA A 225 -1.13 -8.32 18.36
CA ALA A 225 -2.48 -7.84 18.72
C ALA A 225 -3.34 -7.69 17.45
N LEU A 226 -2.79 -7.18 16.34
CA LEU A 226 -3.60 -6.72 15.16
C LEU A 226 -3.20 -7.44 13.85
N GLY A 227 -2.11 -8.21 13.83
CA GLY A 227 -1.62 -8.91 12.63
C GLY A 227 -2.70 -9.77 12.01
N PHE A 228 -3.67 -10.23 12.81
CA PHE A 228 -4.74 -11.15 12.31
C PHE A 228 -5.43 -10.49 11.10
N LEU A 229 -5.66 -9.16 11.16
CA LEU A 229 -6.39 -8.38 10.13
C LEU A 229 -5.79 -8.68 8.75
N ASN A 230 -4.46 -8.58 8.65
CA ASN A 230 -3.72 -8.89 7.41
C ASN A 230 -3.61 -10.41 7.26
N GLU A 231 -3.01 -11.09 8.26
CA GLU A 231 -2.61 -12.52 8.18
C GLU A 231 -3.82 -13.40 7.81
N ASP A 232 -5.04 -13.06 8.26
CA ASP A 232 -6.25 -13.87 8.00
C ASP A 232 -7.17 -13.13 7.00
N HIS A 233 -6.64 -12.18 6.25
CA HIS A 233 -7.33 -11.65 5.04
C HIS A 233 -8.71 -11.09 5.41
N TRP A 234 -8.80 -10.22 6.41
CA TRP A 234 -10.09 -9.60 6.87
C TRP A 234 -10.67 -8.72 5.74
N PHE A 235 -9.80 -8.14 4.92
CA PHE A 235 -10.15 -7.24 3.79
C PHE A 235 -9.93 -7.95 2.44
N SER A 236 -10.04 -9.28 2.40
CA SER A 236 -10.17 -10.03 1.12
C SER A 236 -11.47 -9.56 0.49
N ARG A 237 -11.65 -9.73 -0.83
CA ARG A 237 -12.92 -9.34 -1.47
C ARG A 237 -14.04 -10.30 -1.01
N GLU A 238 -13.79 -11.61 -0.97
CA GLU A 238 -14.77 -12.63 -0.49
C GLU A 238 -15.31 -12.24 0.89
N ASN A 239 -14.46 -11.82 1.82
CA ASN A 239 -14.88 -11.53 3.22
C ASN A 239 -15.48 -10.13 3.39
N SER A 240 -14.92 -9.07 2.78
CA SER A 240 -15.29 -7.65 3.04
C SER A 240 -16.14 -7.05 1.91
N LEU A 241 -16.21 -7.68 0.73
CA LEU A 241 -17.04 -7.30 -0.46
C LEU A 241 -16.46 -6.06 -1.17
N SER A 242 -15.98 -5.07 -0.42
CA SER A 242 -15.35 -3.82 -0.96
C SER A 242 -13.85 -4.03 -1.15
N GLY A 243 -13.23 -4.81 -0.28
CA GLY A 243 -11.76 -4.94 -0.19
C GLY A 243 -11.19 -5.69 -1.38
N VAL A 244 -9.88 -5.59 -1.53
CA VAL A 244 -9.08 -6.28 -2.58
C VAL A 244 -7.78 -6.84 -1.98
N GLU A 245 -7.64 -6.92 -0.65
CA GLU A 245 -6.36 -7.40 -0.03
C GLU A 245 -6.02 -8.76 -0.66
N GLY A 246 -4.81 -8.87 -1.19
CA GLY A 246 -4.25 -10.09 -1.78
C GLY A 246 -4.85 -10.43 -3.13
N GLU A 247 -5.54 -9.50 -3.80
CA GLU A 247 -6.17 -9.83 -5.10
C GLU A 247 -5.08 -9.93 -6.16
N GLY A 248 -4.21 -8.94 -6.27
CA GLY A 248 -3.14 -8.95 -7.29
C GLY A 248 -3.53 -8.11 -8.49
N LEU A 249 -2.52 -7.51 -9.13
CA LEU A 249 -2.65 -6.51 -10.22
C LEU A 249 -3.39 -7.12 -11.42
N HIS A 250 -3.32 -8.45 -11.59
CA HIS A 250 -4.03 -9.20 -12.67
C HIS A 250 -5.50 -9.50 -12.33
N LYS A 251 -6.01 -9.13 -11.15
CA LYS A 251 -7.43 -9.33 -10.76
C LYS A 251 -8.17 -8.00 -10.62
N LEU A 252 -7.49 -6.93 -10.21
CA LEU A 252 -8.11 -5.59 -9.95
C LEU A 252 -8.93 -5.14 -11.18
N GLY A 253 -8.38 -5.28 -12.37
CA GLY A 253 -9.07 -4.92 -13.61
C GLY A 253 -10.40 -5.64 -13.75
N TYR A 254 -10.41 -6.96 -13.53
CA TYR A 254 -11.63 -7.80 -13.60
C TYR A 254 -12.62 -7.34 -12.52
N ILE A 255 -12.12 -6.94 -11.36
CA ILE A 255 -12.99 -6.49 -10.24
C ILE A 255 -13.63 -5.14 -10.63
N LEU A 256 -12.87 -4.15 -11.10
CA LEU A 256 -13.45 -2.87 -11.59
C LEU A 256 -14.52 -3.17 -12.62
N ARG A 257 -14.28 -4.10 -13.56
CA ARG A 257 -15.27 -4.43 -14.62
C ARG A 257 -16.52 -5.05 -13.99
N ASP A 258 -16.38 -5.89 -12.96
CA ASP A 258 -17.56 -6.52 -12.29
C ASP A 258 -18.39 -5.44 -11.59
N VAL A 259 -17.75 -4.48 -10.92
CA VAL A 259 -18.46 -3.30 -10.35
C VAL A 259 -19.23 -2.59 -11.47
N SER A 260 -18.61 -2.37 -12.64
CA SER A 260 -19.20 -1.61 -13.78
C SER A 260 -20.54 -2.24 -14.22
N LYS A 261 -20.69 -3.54 -14.06
CA LYS A 261 -21.85 -4.35 -14.54
C LYS A 261 -23.09 -4.10 -13.69
N LYS A 262 -22.93 -3.50 -12.50
CA LYS A 262 -24.06 -3.14 -11.60
C LYS A 262 -24.77 -1.93 -12.18
N GLU A 263 -26.09 -1.92 -12.13
CA GLU A 263 -26.91 -0.74 -12.48
C GLU A 263 -26.50 0.38 -11.52
N GLY A 264 -26.33 1.60 -12.02
CA GLY A 264 -26.08 2.78 -11.17
C GLY A 264 -25.52 3.95 -11.95
N GLY A 265 -24.87 4.88 -11.27
CA GLY A 265 -24.34 6.12 -11.90
C GLY A 265 -22.94 5.94 -12.46
N ALA A 266 -22.20 7.05 -12.54
CA ALA A 266 -20.78 7.10 -12.96
C ALA A 266 -19.96 6.33 -11.93
N MET A 267 -18.71 5.99 -12.26
CA MET A 267 -17.72 5.49 -11.29
C MET A 267 -16.95 6.70 -10.73
N TYR A 268 -16.94 6.85 -9.41
CA TYR A 268 -16.24 7.95 -8.72
C TYR A 268 -14.97 7.38 -8.09
N ALA A 269 -13.89 8.13 -8.20
CA ALA A 269 -12.57 7.78 -7.70
C ALA A 269 -11.90 9.04 -7.16
N ASP A 270 -12.43 9.57 -6.06
CA ASP A 270 -11.90 10.79 -5.40
C ASP A 270 -10.76 10.37 -4.46
N ASP A 271 -9.56 10.89 -4.70
CA ASP A 271 -8.42 10.80 -3.76
C ASP A 271 -8.67 11.76 -2.60
N THR A 272 -8.31 11.39 -1.38
CA THR A 272 -8.31 12.29 -0.20
C THR A 272 -6.96 13.01 -0.17
N ALA A 273 -6.95 14.26 0.29
CA ALA A 273 -5.73 15.07 0.48
C ALA A 273 -5.06 14.68 1.82
N GLY A 274 -3.95 13.94 1.75
CA GLY A 274 -3.12 13.51 2.90
C GLY A 274 -3.92 12.70 3.92
N TRP A 275 -4.39 11.52 3.52
CA TRP A 275 -5.38 10.70 4.27
C TRP A 275 -4.91 10.45 5.71
N ASP A 276 -3.65 10.03 5.90
CA ASP A 276 -3.09 9.66 7.23
C ASP A 276 -3.23 10.86 8.18
N THR A 277 -2.99 12.09 7.68
CA THR A 277 -3.05 13.33 8.49
C THR A 277 -4.50 13.74 8.81
N ARG A 278 -5.51 13.14 8.17
CA ARG A 278 -6.95 13.47 8.32
C ARG A 278 -7.67 12.44 9.19
N ILE A 279 -6.97 11.49 9.80
CA ILE A 279 -7.59 10.45 10.66
C ILE A 279 -7.84 11.09 12.03
N THR A 280 -9.10 11.22 12.39
CA THR A 280 -9.58 11.93 13.59
C THR A 280 -9.40 10.98 14.77
N LEU A 281 -9.45 11.49 16.00
CA LEU A 281 -9.52 10.66 17.23
C LEU A 281 -10.77 9.78 17.15
N GLU A 282 -11.85 10.27 16.54
CA GLU A 282 -13.14 9.53 16.42
C GLU A 282 -12.96 8.31 15.49
N ASP A 283 -12.17 8.47 14.42
CA ASP A 283 -11.77 7.36 13.52
C ASP A 283 -11.03 6.28 14.36
N LEU A 284 -10.02 6.68 15.15
CA LEU A 284 -9.21 5.77 16.01
C LEU A 284 -10.11 5.03 17.03
N LYS A 285 -11.13 5.69 17.56
CA LYS A 285 -12.10 5.09 18.52
C LYS A 285 -13.03 4.10 17.81
N ASN A 286 -13.39 4.35 16.56
CA ASN A 286 -14.27 3.43 15.80
C ASN A 286 -13.46 2.21 15.36
N GLU A 287 -12.17 2.39 15.09
CA GLU A 287 -11.25 1.28 14.70
C GLU A 287 -11.07 0.33 15.90
N GLU A 288 -10.92 0.89 17.11
CA GLU A 288 -10.72 0.14 18.37
C GLU A 288 -11.92 -0.77 18.68
N MET A 289 -13.06 -0.57 18.02
CA MET A 289 -14.27 -1.40 18.27
C MET A 289 -14.07 -2.82 17.73
N VAL A 290 -13.02 -3.09 16.95
CA VAL A 290 -12.64 -4.50 16.62
C VAL A 290 -12.39 -5.26 17.94
N THR A 291 -11.89 -4.62 19.00
CA THR A 291 -11.61 -5.29 20.31
C THR A 291 -12.89 -5.87 20.92
N ASN A 292 -14.06 -5.33 20.60
CA ASN A 292 -15.36 -5.91 21.07
C ASN A 292 -15.61 -7.29 20.47
N HIS A 293 -14.75 -7.78 19.57
CA HIS A 293 -14.93 -9.11 18.92
C HIS A 293 -13.93 -10.12 19.49
N MET A 294 -13.15 -9.68 20.48
CA MET A 294 -11.93 -10.33 21.03
C MET A 294 -12.21 -10.85 22.43
N GLU A 295 -11.17 -11.38 23.11
CA GLU A 295 -11.29 -11.97 24.47
C GLU A 295 -9.93 -12.25 25.09
N GLY A 296 -9.95 -12.44 26.41
CA GLY A 296 -8.78 -12.84 27.23
C GLY A 296 -7.63 -11.88 27.05
N GLU A 297 -6.40 -12.43 27.09
CA GLU A 297 -5.12 -11.73 26.83
C GLU A 297 -5.27 -10.85 25.57
N HIS A 298 -5.86 -11.38 24.50
CA HIS A 298 -5.90 -10.73 23.16
C HIS A 298 -6.57 -9.38 23.32
N LYS A 299 -7.85 -9.40 23.72
CA LYS A 299 -8.67 -8.20 23.98
C LYS A 299 -7.85 -7.17 24.76
N LYS A 300 -7.10 -7.59 25.77
CA LYS A 300 -6.36 -6.65 26.65
C LYS A 300 -5.19 -6.06 25.88
N LEU A 301 -4.45 -6.90 25.17
CA LEU A 301 -3.26 -6.49 24.36
C LEU A 301 -3.69 -5.54 23.23
N ALA A 302 -4.71 -5.90 22.44
CA ALA A 302 -5.25 -5.10 21.32
C ALA A 302 -5.68 -3.73 21.85
N GLU A 303 -6.47 -3.72 22.92
CA GLU A 303 -6.92 -2.51 23.65
C GLU A 303 -5.72 -1.65 24.01
N ALA A 304 -4.65 -2.26 24.50
CA ALA A 304 -3.44 -1.55 24.94
C ALA A 304 -2.83 -0.83 23.74
N ILE A 305 -2.62 -1.56 22.64
CA ILE A 305 -2.03 -0.98 21.40
C ILE A 305 -2.86 0.26 21.04
N PHE A 306 -4.19 0.15 20.97
CA PHE A 306 -5.09 1.25 20.56
C PHE A 306 -4.99 2.44 21.54
N LYS A 307 -5.14 2.20 22.85
CA LYS A 307 -5.04 3.22 23.94
C LYS A 307 -3.67 3.91 23.90
N LEU A 308 -2.59 3.15 23.81
CA LEU A 308 -1.25 3.57 24.31
C LEU A 308 -0.30 3.92 23.17
N THR A 309 -0.46 3.35 21.98
CA THR A 309 0.41 3.67 20.82
C THR A 309 -0.35 4.51 19.79
N TYR A 310 -1.63 4.20 19.54
CA TYR A 310 -2.45 4.78 18.45
C TYR A 310 -3.13 6.08 18.94
N GLN A 311 -3.90 6.02 20.03
CA GLN A 311 -4.74 7.15 20.53
C GLN A 311 -3.90 8.09 21.40
N ASN A 312 -2.64 7.73 21.66
CA ASN A 312 -1.60 8.59 22.29
C ASN A 312 -0.25 8.22 21.70
N LYS A 313 0.38 9.14 20.99
CA LYS A 313 1.63 8.84 20.25
C LYS A 313 2.78 9.55 20.95
N VAL A 314 3.97 8.98 20.86
CA VAL A 314 5.22 9.69 21.22
C VAL A 314 6.16 9.44 20.06
N VAL A 315 6.77 10.51 19.56
CA VAL A 315 7.58 10.49 18.33
C VAL A 315 8.84 11.29 18.61
N ARG A 316 9.95 10.81 18.09
CA ARG A 316 11.24 11.53 18.06
C ARG A 316 11.47 11.98 16.61
N VAL A 317 11.80 13.26 16.42
CA VAL A 317 12.03 13.89 15.09
C VAL A 317 13.38 14.58 15.09
N GLN A 318 14.17 14.45 14.01
CA GLN A 318 15.43 15.21 13.78
C GLN A 318 15.10 16.65 13.38
N ARG A 319 15.95 17.60 13.76
CA ARG A 319 15.82 19.05 13.39
C ARG A 319 17.20 19.65 13.17
N PRO A 320 17.54 20.12 11.95
CA PRO A 320 18.87 20.65 11.64
C PRO A 320 19.34 21.88 12.46
N THR A 321 18.42 22.53 13.18
CA THR A 321 18.68 23.73 14.00
C THR A 321 19.62 23.37 15.16
N THR A 325 21.62 19.57 14.50
CA THR A 325 20.72 18.38 14.47
C THR A 325 20.41 17.97 15.92
N VAL A 326 19.17 18.19 16.36
CA VAL A 326 18.66 17.76 17.70
C VAL A 326 17.46 16.83 17.48
N MET A 327 17.16 15.99 18.48
CA MET A 327 15.99 15.07 18.48
C MET A 327 14.88 15.69 19.34
N ASP A 328 13.75 16.03 18.73
CA ASP A 328 12.57 16.66 19.39
C ASP A 328 11.57 15.56 19.77
N ILE A 329 11.18 15.52 21.04
CA ILE A 329 10.22 14.53 21.57
C ILE A 329 8.86 15.21 21.67
N ILE A 330 8.07 15.02 20.62
CA ILE A 330 6.72 15.62 20.45
C ILE A 330 5.70 14.49 20.57
N SER A 331 4.44 14.85 20.80
CA SER A 331 3.32 13.91 21.08
C SER A 331 2.00 14.46 20.51
N ARG A 332 1.08 13.57 20.11
CA ARG A 332 -0.30 13.94 19.73
C ARG A 332 -1.22 12.72 19.85
N ARG A 333 -2.52 12.96 19.86
CA ARG A 333 -3.59 11.96 20.06
C ARG A 333 -4.09 11.41 18.71
N ASP A 334 -4.17 12.25 17.67
CA ASP A 334 -4.87 11.95 16.40
C ASP A 334 -3.88 11.67 15.26
N GLN A 335 -4.38 11.55 14.02
CA GLN A 335 -3.63 11.17 12.79
C GLN A 335 -3.22 9.70 12.83
N ARG A 336 -2.73 9.20 11.70
CA ARG A 336 -2.31 7.79 11.53
C ARG A 336 -0.80 7.65 11.72
N GLY A 337 -0.45 6.55 12.36
CA GLY A 337 0.89 6.15 12.82
C GLY A 337 0.78 4.76 13.43
N SER A 338 0.90 3.74 12.58
CA SER A 338 0.88 2.31 12.94
C SER A 338 1.96 1.64 12.08
N GLY A 339 1.95 0.32 12.00
CA GLY A 339 2.73 -0.43 10.99
C GLY A 339 2.12 -0.20 9.61
N GLN A 340 2.96 -0.02 8.60
CA GLN A 340 2.50 0.11 7.19
C GLN A 340 1.36 -0.91 6.95
N VAL A 341 1.42 -2.11 7.52
CA VAL A 341 0.46 -3.21 7.21
C VAL A 341 -0.84 -3.08 8.02
N VAL A 342 -0.79 -2.73 9.31
CA VAL A 342 -2.03 -2.50 10.12
C VAL A 342 -2.69 -1.21 9.62
N THR A 343 -1.88 -0.19 9.37
CA THR A 343 -2.27 1.06 8.69
C THR A 343 -3.14 0.72 7.46
N TYR A 344 -2.68 -0.17 6.59
CA TYR A 344 -3.38 -0.57 5.35
C TYR A 344 -4.80 -1.02 5.70
N GLY A 345 -4.92 -1.93 6.67
CA GLY A 345 -6.21 -2.53 7.07
C GLY A 345 -7.14 -1.51 7.69
N LEU A 346 -6.64 -0.65 8.56
CA LEU A 346 -7.48 0.34 9.29
C LEU A 346 -7.89 1.46 8.33
N ASN A 347 -6.99 1.89 7.44
CA ASN A 347 -7.33 2.77 6.30
C ASN A 347 -8.48 2.16 5.51
N THR A 348 -8.36 0.92 5.04
CA THR A 348 -9.42 0.24 4.25
C THR A 348 -10.73 0.23 5.04
N PHE A 349 -10.68 -0.09 6.33
CA PHE A 349 -11.86 -0.18 7.24
C PHE A 349 -12.57 1.19 7.28
N THR A 350 -11.83 2.24 7.62
CA THR A 350 -12.36 3.61 7.85
C THR A 350 -12.84 4.18 6.51
N ASN A 351 -12.10 3.91 5.43
CA ASN A 351 -12.45 4.36 4.05
C ASN A 351 -13.75 3.68 3.61
N MET A 352 -13.86 2.37 3.77
CA MET A 352 -15.13 1.63 3.55
C MET A 352 -16.26 2.37 4.30
N GLU A 353 -16.00 2.78 5.54
CA GLU A 353 -17.02 3.37 6.45
C GLU A 353 -17.47 4.72 5.88
N ALA A 354 -16.51 5.59 5.57
CA ALA A 354 -16.76 6.93 4.98
C ALA A 354 -17.58 6.80 3.69
N GLN A 355 -17.24 5.85 2.80
CA GLN A 355 -17.88 5.74 1.47
C GLN A 355 -19.31 5.19 1.59
N LEU A 356 -19.59 4.28 2.52
CA LEU A 356 -20.99 3.84 2.83
C LEU A 356 -21.81 5.05 3.28
N ILE A 357 -21.23 5.90 4.14
CA ILE A 357 -21.92 7.05 4.75
C ILE A 357 -22.21 8.06 3.64
N ARG A 358 -21.24 8.26 2.74
CA ARG A 358 -21.40 9.16 1.58
C ARG A 358 -22.47 8.60 0.63
N GLN A 359 -22.53 7.28 0.46
CA GLN A 359 -23.62 6.64 -0.32
C GLN A 359 -24.97 6.89 0.38
N MET A 360 -25.01 6.83 1.71
CA MET A 360 -26.26 7.10 2.49
C MET A 360 -26.74 8.53 2.19
N GLU A 361 -25.83 9.50 2.31
CA GLU A 361 -26.10 10.93 2.02
C GLU A 361 -26.63 11.07 0.59
N GLY A 362 -26.00 10.40 -0.38
CA GLY A 362 -26.47 10.40 -1.78
C GLY A 362 -27.90 9.89 -1.92
N GLU A 363 -28.31 8.94 -1.08
CA GLU A 363 -29.61 8.25 -1.21
C GLU A 363 -30.63 8.90 -0.27
N GLY A 364 -30.23 9.97 0.43
CA GLY A 364 -31.11 10.69 1.37
C GLY A 364 -31.58 9.78 2.49
N VAL A 365 -30.67 9.02 3.09
CA VAL A 365 -30.95 8.18 4.29
C VAL A 365 -30.98 9.11 5.50
N PHE A 366 -30.23 10.22 5.44
CA PHE A 366 -30.23 11.27 6.48
C PHE A 366 -30.24 12.65 5.82
N LYS A 367 -30.66 13.67 6.56
CA LYS A 367 -30.95 15.02 6.00
C LYS A 367 -29.81 15.96 6.41
N SER A 368 -29.48 15.99 7.70
CA SER A 368 -28.46 16.88 8.29
C SER A 368 -27.45 16.05 9.06
N ILE A 369 -26.20 16.53 9.15
CA ILE A 369 -25.09 15.91 9.92
C ILE A 369 -24.95 16.58 11.29
N GLN A 370 -25.67 17.68 11.52
CA GLN A 370 -25.62 18.48 12.77
C GLN A 370 -26.13 17.62 13.92
N HIS A 371 -27.22 16.90 13.68
CA HIS A 371 -27.96 16.10 14.69
C HIS A 371 -28.70 14.97 13.95
N LEU A 372 -28.59 13.74 14.43
CA LEU A 372 -29.33 12.58 13.87
C LEU A 372 -30.55 12.32 14.77
N THR A 373 -31.76 12.42 14.19
CA THR A 373 -33.06 12.17 14.85
C THR A 373 -33.12 10.69 15.23
N VAL A 374 -34.03 10.28 16.12
CA VAL A 374 -34.14 8.85 16.58
C VAL A 374 -34.62 7.99 15.41
N THR A 375 -35.55 8.51 14.61
CA THR A 375 -36.06 7.87 13.37
C THR A 375 -34.94 7.79 12.32
N GLU A 376 -34.06 8.79 12.24
CA GLU A 376 -32.93 8.82 11.26
C GLU A 376 -31.88 7.77 11.65
N GLU A 377 -31.68 7.49 12.95
CA GLU A 377 -30.81 6.36 13.40
C GLU A 377 -31.39 5.06 12.85
N ILE A 378 -32.63 4.74 13.21
CA ILE A 378 -33.29 3.45 12.81
C ILE A 378 -33.27 3.35 11.28
N ALA A 379 -33.41 4.47 10.54
CA ALA A 379 -33.38 4.50 9.05
C ALA A 379 -31.99 4.10 8.52
N VAL A 380 -30.91 4.62 9.12
CA VAL A 380 -29.50 4.27 8.79
C VAL A 380 -29.31 2.77 9.08
N LYS A 381 -29.64 2.35 10.29
CA LYS A 381 -29.55 0.93 10.75
C LYS A 381 -30.27 0.02 9.76
N ASN A 382 -31.47 0.42 9.31
CA ASN A 382 -32.32 -0.42 8.42
C ASN A 382 -31.72 -0.45 7.01
N TRP A 383 -31.13 0.66 6.59
CA TRP A 383 -30.34 0.74 5.33
C TRP A 383 -29.24 -0.32 5.38
N LEU A 384 -28.40 -0.25 6.41
CA LEU A 384 -27.24 -1.17 6.57
C LEU A 384 -27.74 -2.62 6.55
N VAL A 385 -28.85 -2.90 7.20
CA VAL A 385 -29.40 -4.28 7.32
C VAL A 385 -29.92 -4.72 5.96
N ARG A 386 -30.65 -3.85 5.27
CA ARG A 386 -31.40 -4.21 4.04
C ARG A 386 -30.42 -4.29 2.86
N VAL A 387 -29.51 -3.31 2.68
CA VAL A 387 -28.75 -3.11 1.40
C VAL A 387 -27.24 -2.87 1.62
N GLY A 388 -26.76 -2.84 2.87
CA GLY A 388 -25.35 -2.52 3.19
C GLY A 388 -24.36 -3.44 2.49
N ARG A 389 -24.63 -4.73 2.43
CA ARG A 389 -23.76 -5.70 1.72
C ARG A 389 -23.80 -5.38 0.23
N GLU A 390 -24.96 -5.01 -0.33
CA GLU A 390 -25.07 -4.71 -1.79
C GLU A 390 -24.24 -3.46 -2.09
N ARG A 391 -24.27 -2.48 -1.18
CA ARG A 391 -23.56 -1.18 -1.34
C ARG A 391 -22.05 -1.38 -1.19
N LEU A 392 -21.60 -2.31 -0.35
CA LEU A 392 -20.16 -2.67 -0.23
C LEU A 392 -19.65 -3.29 -1.54
N SER A 393 -20.45 -4.14 -2.19
CA SER A 393 -20.04 -4.78 -3.46
C SER A 393 -19.93 -3.74 -4.59
N ARG A 394 -20.44 -2.52 -4.38
CA ARG A 394 -20.38 -1.40 -5.36
C ARG A 394 -19.04 -0.66 -5.31
N MET A 395 -18.15 -1.07 -4.41
CA MET A 395 -16.86 -0.36 -4.21
C MET A 395 -15.69 -1.35 -4.34
N ALA A 396 -14.56 -0.84 -4.80
CA ALA A 396 -13.23 -1.46 -4.69
C ALA A 396 -12.36 -0.51 -3.85
N ILE A 397 -11.92 -0.97 -2.68
CA ILE A 397 -11.22 -0.11 -1.70
C ILE A 397 -9.90 -0.76 -1.31
N SER A 398 -8.82 0.00 -1.46
CA SER A 398 -7.44 -0.42 -1.13
C SER A 398 -6.83 0.66 -0.27
N GLY A 399 -6.87 0.51 1.05
CA GLY A 399 -6.41 1.57 1.97
C GLY A 399 -7.11 2.88 1.66
N ASP A 400 -6.34 3.96 1.48
CA ASP A 400 -6.88 5.32 1.25
C ASP A 400 -7.43 5.44 -0.17
N ASP A 401 -7.23 4.43 -1.02
CA ASP A 401 -7.68 4.47 -2.43
C ASP A 401 -9.07 3.85 -2.56
N CYS A 402 -9.95 4.41 -3.40
CA CYS A 402 -11.31 3.86 -3.66
C CYS A 402 -11.85 4.19 -5.05
N VAL A 403 -12.67 3.27 -5.53
CA VAL A 403 -13.61 3.41 -6.69
C VAL A 403 -15.00 3.06 -6.17
N VAL A 404 -15.97 3.98 -6.32
CA VAL A 404 -17.39 3.77 -5.93
C VAL A 404 -18.26 3.92 -7.17
N LYS A 405 -19.19 2.98 -7.38
CA LYS A 405 -20.28 3.10 -8.37
C LYS A 405 -21.58 3.18 -7.58
N PRO A 406 -22.02 4.40 -7.22
CA PRO A 406 -23.20 4.58 -6.38
C PRO A 406 -24.46 4.23 -7.18
N LEU A 407 -25.58 4.19 -6.48
CA LEU A 407 -26.91 3.92 -7.08
C LEU A 407 -27.20 4.92 -8.22
N ASP A 408 -26.72 6.16 -8.11
CA ASP A 408 -26.94 7.24 -9.12
C ASP A 408 -25.99 8.42 -8.83
N ASP A 409 -26.06 9.50 -9.60
CA ASP A 409 -25.03 10.56 -9.56
C ASP A 409 -25.33 11.62 -8.49
N ARG A 410 -26.38 11.45 -7.68
CA ARG A 410 -26.62 12.33 -6.49
C ARG A 410 -25.39 12.29 -5.58
N PHE A 411 -24.75 11.12 -5.47
CA PHE A 411 -23.47 10.87 -4.75
C PHE A 411 -22.45 11.97 -5.07
N ALA A 412 -22.36 12.39 -6.33
CA ALA A 412 -21.35 13.37 -6.85
C ALA A 412 -21.31 14.63 -5.97
N SER A 413 -22.47 15.12 -5.53
CA SER A 413 -22.58 16.36 -4.72
C SER A 413 -23.01 16.08 -3.27
N ALA A 414 -22.98 14.82 -2.83
CA ALA A 414 -23.18 14.42 -1.41
C ALA A 414 -21.85 14.61 -0.69
N LEU A 415 -21.62 15.77 -0.07
CA LEU A 415 -20.25 16.20 0.34
C LEU A 415 -20.19 16.61 1.82
N THR A 416 -21.31 16.67 2.55
CA THR A 416 -21.33 17.30 3.90
C THR A 416 -20.67 16.33 4.89
N ALA A 417 -21.09 15.06 4.91
CA ALA A 417 -20.55 14.02 5.82
C ALA A 417 -19.08 13.79 5.49
N LEU A 418 -18.76 13.62 4.21
CA LEU A 418 -17.38 13.35 3.74
C LEU A 418 -16.42 14.45 4.21
N ASN A 419 -16.80 15.72 3.99
CA ASN A 419 -15.98 16.90 4.39
C ASN A 419 -15.95 17.02 5.92
N ASP A 420 -17.05 16.71 6.61
CA ASP A 420 -17.16 16.86 8.09
C ASP A 420 -16.39 15.73 8.80
N MET A 421 -16.31 14.53 8.22
CA MET A 421 -15.42 13.43 8.70
C MET A 421 -13.96 13.83 8.51
N GLY A 422 -13.68 14.85 7.69
CA GLY A 422 -12.33 15.38 7.44
C GLY A 422 -11.66 14.72 6.25
N LYS A 423 -12.36 13.85 5.50
CA LYS A 423 -11.81 13.14 4.32
C LYS A 423 -12.03 14.04 3.08
N VAL A 424 -11.31 15.16 3.10
CA VAL A 424 -11.41 16.29 2.13
C VAL A 424 -10.73 15.86 0.83
N ARG A 425 -11.46 15.96 -0.29
CA ARG A 425 -10.97 15.52 -1.62
C ARG A 425 -9.76 16.37 -2.05
N LYS A 426 -8.83 15.76 -2.79
CA LYS A 426 -7.61 16.42 -3.34
C LYS A 426 -7.94 17.13 -4.66
N ASP A 427 -7.35 18.31 -4.88
CA ASP A 427 -7.33 19.08 -6.17
C ASP A 427 -8.75 19.25 -6.74
N ILE A 428 -9.66 19.79 -5.93
CA ILE A 428 -11.06 20.16 -6.29
C ILE A 428 -11.62 21.01 -5.17
N GLN A 429 -12.33 22.10 -5.48
CA GLN A 429 -12.95 22.99 -4.45
C GLN A 429 -13.82 22.13 -3.52
N GLN A 430 -13.83 22.46 -2.23
CA GLN A 430 -14.41 21.62 -1.16
C GLN A 430 -15.89 21.33 -1.42
N TRP A 431 -16.64 22.27 -2.02
CA TRP A 431 -18.10 22.13 -2.23
C TRP A 431 -18.45 21.94 -3.72
N GLU A 432 -17.43 21.83 -4.57
CA GLU A 432 -17.55 21.52 -6.02
C GLU A 432 -17.85 20.03 -6.19
N PRO A 433 -18.86 19.64 -7.00
CA PRO A 433 -19.20 18.24 -7.15
C PRO A 433 -18.16 17.39 -7.88
N SER A 434 -18.02 16.14 -7.43
CA SER A 434 -17.15 15.10 -8.02
C SER A 434 -17.48 14.91 -9.50
N ARG A 435 -16.45 14.85 -10.33
CA ARG A 435 -16.53 14.46 -11.75
C ARG A 435 -16.30 12.96 -11.78
N GLY A 436 -17.34 12.19 -12.14
CA GLY A 436 -17.30 10.72 -12.23
C GLY A 436 -16.73 10.26 -13.55
N TRP A 437 -16.49 8.96 -13.72
CA TRP A 437 -16.02 8.37 -15.00
C TRP A 437 -17.15 7.56 -15.62
N ASN A 438 -17.27 7.61 -16.94
CA ASN A 438 -18.34 6.95 -17.71
C ASN A 438 -17.86 5.57 -18.14
N ASP A 439 -16.55 5.31 -18.05
CA ASP A 439 -15.87 4.16 -18.68
C ASP A 439 -14.88 3.54 -17.67
N TRP A 440 -15.12 2.29 -17.25
CA TRP A 440 -14.31 1.55 -16.24
C TRP A 440 -12.83 1.43 -16.67
N THR A 441 -12.54 1.53 -17.96
CA THR A 441 -11.15 1.44 -18.51
C THR A 441 -10.38 2.78 -18.40
N GLN A 442 -10.99 3.82 -17.83
CA GLN A 442 -10.37 5.14 -17.59
C GLN A 442 -10.23 5.42 -16.09
N VAL A 443 -11.02 4.73 -15.25
CA VAL A 443 -10.95 4.86 -13.77
C VAL A 443 -9.53 4.58 -13.29
N PRO A 444 -8.90 5.53 -12.57
CA PRO A 444 -7.63 5.29 -11.93
C PRO A 444 -7.87 4.54 -10.61
N PHE A 445 -7.07 3.50 -10.36
CA PHE A 445 -7.10 2.64 -9.13
C PHE A 445 -5.73 2.00 -8.92
N CYS A 446 -5.17 2.15 -7.71
CA CYS A 446 -3.85 1.64 -7.24
C CYS A 446 -2.76 2.01 -8.26
N SER A 447 -2.79 3.25 -8.76
CA SER A 447 -1.76 3.83 -9.66
C SER A 447 -1.87 3.20 -11.06
N HIS A 448 -2.99 2.54 -11.37
CA HIS A 448 -3.18 1.85 -12.67
C HIS A 448 -4.47 2.27 -13.36
N HIS A 449 -4.55 1.97 -14.65
CA HIS A 449 -5.82 1.85 -15.40
C HIS A 449 -5.82 0.45 -16.02
N PHE A 450 -6.98 0.00 -16.52
CA PHE A 450 -7.21 -1.38 -16.96
C PHE A 450 -7.76 -1.35 -18.39
N HIS A 451 -7.10 -2.07 -19.31
CA HIS A 451 -7.54 -2.25 -20.72
C HIS A 451 -8.26 -3.60 -20.85
N GLU A 452 -9.25 -3.66 -21.72
CA GLU A 452 -9.89 -4.92 -22.20
C GLU A 452 -9.16 -5.33 -23.47
N LEU A 453 -8.68 -6.56 -23.53
CA LEU A 453 -7.72 -6.98 -24.56
C LEU A 453 -8.13 -8.39 -24.99
N ILE A 454 -8.46 -8.54 -26.26
CA ILE A 454 -9.10 -9.78 -26.79
C ILE A 454 -8.02 -10.60 -27.48
N MET A 455 -7.83 -11.84 -27.04
CA MET A 455 -6.81 -12.77 -27.58
C MET A 455 -7.30 -13.27 -28.94
N LYS A 456 -6.37 -13.66 -29.81
CA LYS A 456 -6.65 -14.10 -31.21
C LYS A 456 -7.67 -15.26 -31.19
N ASP A 457 -7.85 -15.92 -30.05
CA ASP A 457 -8.86 -17.01 -29.88
C ASP A 457 -10.15 -16.53 -29.19
N GLY A 458 -10.37 -15.20 -29.05
CA GLY A 458 -11.62 -14.62 -28.53
C GLY A 458 -11.64 -14.45 -27.02
N ARG A 459 -10.79 -15.18 -26.27
CA ARG A 459 -10.78 -15.10 -24.79
C ARG A 459 -10.32 -13.71 -24.36
N VAL A 460 -10.86 -13.23 -23.24
CA VAL A 460 -10.75 -11.81 -22.84
C VAL A 460 -9.80 -11.67 -21.65
N LEU A 461 -8.73 -10.90 -21.84
CA LEU A 461 -7.79 -10.46 -20.78
C LEU A 461 -8.16 -9.03 -20.37
N VAL A 462 -8.25 -8.80 -19.06
CA VAL A 462 -8.29 -7.44 -18.46
C VAL A 462 -6.95 -7.23 -17.77
N VAL A 463 -6.13 -6.35 -18.34
CA VAL A 463 -4.67 -6.23 -18.05
C VAL A 463 -4.45 -4.88 -17.38
N PRO A 464 -3.53 -4.81 -16.38
CA PRO A 464 -3.19 -3.53 -15.75
C PRO A 464 -2.23 -2.71 -16.62
N CYS A 465 -2.23 -1.40 -16.42
CA CYS A 465 -1.44 -0.45 -17.24
C CYS A 465 -1.19 0.83 -16.45
N ARG A 466 -0.06 1.48 -16.73
CA ARG A 466 0.22 2.87 -16.33
C ARG A 466 1.26 3.43 -17.28
N ASN A 467 1.55 4.72 -17.15
CA ASN A 467 2.48 5.42 -18.07
C ASN A 467 3.81 4.68 -18.04
N GLN A 468 4.33 4.33 -19.22
CA GLN A 468 5.51 3.45 -19.35
C GLN A 468 6.73 4.16 -18.76
N ASP A 469 6.78 5.49 -18.77
CA ASP A 469 7.91 6.23 -18.15
C ASP A 469 7.94 5.89 -16.66
N GLU A 470 6.79 5.72 -16.01
CA GLU A 470 6.71 5.37 -14.58
C GLU A 470 7.31 3.98 -14.37
N LEU A 471 6.92 3.00 -15.19
CA LEU A 471 7.38 1.60 -15.06
C LEU A 471 8.89 1.52 -15.26
N ILE A 472 9.41 2.09 -16.35
CA ILE A 472 10.87 2.03 -16.66
C ILE A 472 11.66 2.80 -15.60
N GLY A 473 11.21 3.97 -15.16
CA GLY A 473 11.89 4.79 -14.14
C GLY A 473 12.01 4.09 -12.78
N ARG A 474 11.02 3.26 -12.41
CA ARG A 474 11.03 2.53 -11.12
C ARG A 474 12.02 1.35 -11.21
N ALA A 475 12.07 0.66 -12.35
CA ALA A 475 12.94 -0.52 -12.55
C ALA A 475 14.40 -0.07 -12.49
N ARG A 476 14.66 1.21 -12.77
CA ARG A 476 16.03 1.77 -12.88
C ARG A 476 16.53 2.19 -11.49
N ILE A 477 15.68 2.10 -10.48
CA ILE A 477 16.04 2.50 -9.09
C ILE A 477 16.20 1.25 -8.21
N SER A 478 17.22 1.28 -7.35
CA SER A 478 17.48 0.28 -6.27
C SER A 478 17.47 0.99 -4.91
N GLN A 479 16.85 0.37 -3.91
CA GLN A 479 16.79 0.90 -2.52
C GLN A 479 17.89 0.22 -1.70
N GLY A 480 18.93 0.98 -1.32
CA GLY A 480 19.99 0.54 -0.40
C GLY A 480 21.37 0.68 -1.02
N ALA A 481 22.39 0.47 -0.18
CA ALA A 481 23.84 0.47 -0.51
C ALA A 481 24.38 -0.96 -0.36
N GLY A 482 25.59 -1.20 -0.89
CA GLY A 482 26.35 -2.45 -0.73
C GLY A 482 25.76 -3.58 -1.56
N TRP A 483 25.14 -3.27 -2.69
CA TRP A 483 24.60 -4.30 -3.63
C TRP A 483 25.76 -4.80 -4.51
N SER A 484 25.93 -6.11 -4.60
CA SER A 484 26.88 -6.73 -5.54
C SER A 484 26.32 -6.61 -6.95
N LEU A 485 27.11 -6.91 -7.97
CA LEU A 485 26.66 -7.00 -9.38
C LEU A 485 25.54 -8.05 -9.48
N ARG A 486 25.73 -9.17 -8.78
CA ARG A 486 24.82 -10.34 -8.80
C ARG A 486 23.44 -9.98 -8.24
N GLU A 487 23.42 -9.22 -7.15
CA GLU A 487 22.17 -8.77 -6.48
C GLU A 487 21.46 -7.78 -7.41
N THR A 488 22.20 -6.79 -7.92
CA THR A 488 21.67 -5.77 -8.88
C THR A 488 21.01 -6.49 -10.06
N ALA A 489 21.67 -7.51 -10.63
CA ALA A 489 21.13 -8.30 -11.76
C ALA A 489 19.84 -9.01 -11.36
N CYS A 490 19.77 -9.54 -10.14
CA CYS A 490 18.61 -10.33 -9.62
C CYS A 490 17.42 -9.40 -9.35
N LEU A 491 17.68 -8.16 -8.92
CA LEU A 491 16.61 -7.14 -8.85
C LEU A 491 16.07 -6.83 -10.24
N GLY A 492 16.94 -6.51 -11.20
CA GLY A 492 16.61 -6.37 -12.63
C GLY A 492 15.68 -7.48 -13.11
N LYS A 493 16.03 -8.72 -12.83
CA LYS A 493 15.24 -9.92 -13.22
C LYS A 493 13.85 -9.89 -12.55
N SER A 494 13.73 -9.50 -11.27
CA SER A 494 12.41 -9.38 -10.61
C SER A 494 11.51 -8.47 -11.45
N TYR A 495 12.05 -7.33 -11.88
CA TYR A 495 11.26 -6.30 -12.65
C TYR A 495 10.84 -6.83 -14.01
N ALA A 496 11.79 -7.42 -14.75
CA ALA A 496 11.61 -8.07 -16.07
C ALA A 496 10.50 -9.11 -16.01
N GLN A 497 10.50 -9.92 -14.95
CA GLN A 497 9.52 -11.04 -14.80
C GLN A 497 8.15 -10.43 -14.43
N MET A 498 8.13 -9.36 -13.64
CA MET A 498 6.88 -8.63 -13.38
C MET A 498 6.35 -8.08 -14.71
N TRP A 499 7.21 -7.44 -15.50
CA TRP A 499 6.79 -6.84 -16.80
C TRP A 499 6.18 -7.92 -17.71
N SER A 500 6.79 -9.11 -17.76
CA SER A 500 6.34 -10.26 -18.60
C SER A 500 5.00 -10.80 -18.09
N LEU A 501 4.75 -10.70 -16.78
CA LEU A 501 3.50 -11.23 -16.17
C LEU A 501 2.37 -10.19 -16.29
N MET A 502 2.63 -8.94 -15.95
CA MET A 502 1.55 -7.92 -15.78
C MET A 502 1.44 -7.00 -17.01
N TYR A 503 2.55 -6.74 -17.71
CA TYR A 503 2.69 -5.65 -18.70
C TYR A 503 3.17 -6.22 -20.05
N PHE A 504 2.82 -7.48 -20.35
CA PHE A 504 3.28 -8.21 -21.57
C PHE A 504 2.72 -7.55 -22.82
N HIS A 505 1.64 -6.79 -22.63
CA HIS A 505 0.85 -6.16 -23.72
C HIS A 505 1.52 -4.86 -24.20
N ARG A 506 2.50 -4.35 -23.46
CA ARG A 506 3.29 -3.15 -23.86
C ARG A 506 4.51 -3.67 -24.63
N ARG A 507 4.69 -3.24 -25.88
CA ARG A 507 5.71 -3.79 -26.80
C ARG A 507 7.12 -3.53 -26.25
N ASP A 508 7.37 -2.36 -25.65
CA ASP A 508 8.72 -2.01 -25.14
C ASP A 508 9.09 -2.84 -23.90
N LEU A 509 8.10 -3.22 -23.09
CA LEU A 509 8.33 -3.91 -21.80
C LEU A 509 8.55 -5.41 -22.06
N ARG A 510 7.82 -5.99 -23.02
CA ARG A 510 8.01 -7.41 -23.40
C ARG A 510 9.44 -7.60 -23.92
N LEU A 511 9.90 -6.68 -24.79
CA LEU A 511 11.24 -6.75 -25.43
C LEU A 511 12.32 -6.48 -24.38
N ALA A 512 12.13 -5.50 -23.50
CA ALA A 512 13.11 -5.17 -22.45
C ALA A 512 13.19 -6.34 -21.44
N ALA A 513 12.06 -6.97 -21.13
CA ALA A 513 11.98 -8.05 -20.13
C ALA A 513 12.73 -9.25 -20.68
N ASN A 514 12.54 -9.55 -21.97
CA ASN A 514 13.24 -10.67 -22.67
C ASN A 514 14.73 -10.37 -22.69
N ALA A 515 15.11 -9.11 -22.92
CA ALA A 515 16.53 -8.70 -22.96
C ALA A 515 17.13 -8.85 -21.56
N ILE A 516 16.44 -8.43 -20.50
CA ILE A 516 17.02 -8.51 -19.13
C ILE A 516 17.18 -10.00 -18.76
N CYS A 517 16.15 -10.82 -18.97
CA CYS A 517 16.12 -12.26 -18.62
C CYS A 517 17.14 -13.04 -19.48
N SER A 518 17.52 -12.51 -20.64
CA SER A 518 18.59 -13.07 -21.51
C SER A 518 19.96 -12.66 -20.97
N ALA A 519 20.06 -11.52 -20.28
CA ALA A 519 21.35 -10.89 -19.87
C ALA A 519 21.73 -11.30 -18.45
N VAL A 520 20.78 -11.85 -17.69
CA VAL A 520 21.01 -12.36 -16.32
C VAL A 520 21.04 -13.87 -16.39
N PRO A 521 22.04 -14.53 -15.74
CA PRO A 521 22.15 -15.98 -15.75
C PRO A 521 20.80 -16.67 -15.50
N SER A 522 20.48 -17.66 -16.33
CA SER A 522 19.17 -18.38 -16.38
C SER A 522 18.73 -18.84 -14.99
N HIS A 523 19.66 -19.36 -14.18
CA HIS A 523 19.34 -19.98 -12.85
C HIS A 523 19.39 -19.00 -11.68
N TRP A 524 19.88 -17.77 -11.84
CA TRP A 524 19.96 -16.77 -10.74
C TRP A 524 18.54 -16.36 -10.31
N VAL A 525 18.32 -16.22 -9.02
CA VAL A 525 16.97 -16.08 -8.42
C VAL A 525 16.64 -14.59 -8.32
N PRO A 526 15.43 -14.16 -8.78
CA PRO A 526 14.95 -12.81 -8.54
C PRO A 526 14.90 -12.43 -7.04
N THR A 527 15.36 -11.23 -6.67
CA THR A 527 15.28 -10.67 -5.29
C THR A 527 14.49 -9.36 -5.27
N SER A 528 14.26 -8.79 -4.09
CA SER A 528 13.54 -7.51 -3.83
C SER A 528 13.58 -7.21 -2.33
N ARG A 529 14.01 -6.00 -1.92
CA ARG A 529 14.33 -5.68 -0.50
C ARG A 529 13.13 -5.05 0.25
N THR A 530 11.93 -5.02 -0.33
CA THR A 530 10.64 -4.80 0.40
C THR A 530 9.51 -5.53 -0.35
N THR A 531 9.32 -6.82 -0.06
CA THR A 531 8.47 -7.79 -0.85
C THR A 531 7.00 -7.39 -0.77
N ALA A 536 0.15 -7.36 -2.29
CA ALA A 536 -0.23 -7.98 -3.58
C ALA A 536 0.30 -9.41 -3.66
N THR A 537 -0.17 -10.17 -4.66
CA THR A 537 0.42 -11.46 -5.09
C THR A 537 1.61 -11.15 -5.99
N HIS A 538 2.76 -11.79 -5.71
CA HIS A 538 4.06 -11.58 -6.41
C HIS A 538 4.50 -12.90 -7.09
N GLU A 539 3.76 -13.33 -8.12
CA GLU A 539 4.01 -14.61 -8.83
C GLU A 539 5.22 -14.54 -9.78
N TRP A 540 5.83 -13.38 -9.98
CA TRP A 540 7.07 -13.23 -10.78
C TRP A 540 8.30 -13.57 -9.95
N MET A 541 8.16 -13.72 -8.62
CA MET A 541 9.27 -14.08 -7.69
C MET A 541 9.42 -15.61 -7.68
N THR A 542 10.11 -16.14 -8.70
CA THR A 542 10.23 -17.58 -9.04
C THR A 542 11.26 -17.73 -10.16
N THR A 543 11.81 -18.94 -10.30
CA THR A 543 12.76 -19.33 -11.37
C THR A 543 12.05 -20.25 -12.38
N GLU A 544 10.75 -20.47 -12.20
CA GLU A 544 9.90 -21.24 -13.13
C GLU A 544 9.85 -20.51 -14.47
N ASP A 545 9.62 -21.25 -15.56
CA ASP A 545 9.38 -20.74 -16.93
C ASP A 545 8.26 -19.69 -16.85
N MET A 546 8.48 -18.50 -17.41
CA MET A 546 7.50 -17.37 -17.30
C MET A 546 6.23 -17.69 -18.10
N LEU A 547 6.31 -18.41 -19.23
CA LEU A 547 5.09 -18.81 -19.98
C LEU A 547 4.24 -19.72 -19.11
N THR A 548 4.84 -20.58 -18.30
CA THR A 548 4.10 -21.49 -17.38
C THR A 548 3.39 -20.70 -16.29
N VAL A 549 4.05 -19.71 -15.68
CA VAL A 549 3.41 -18.78 -14.71
C VAL A 549 2.28 -17.98 -15.40
N TRP A 550 2.51 -17.44 -16.61
CA TRP A 550 1.47 -16.69 -17.36
C TRP A 550 0.21 -17.56 -17.47
N ASN A 551 0.37 -18.84 -17.83
CA ASN A 551 -0.77 -19.76 -18.09
C ASN A 551 -1.52 -19.98 -16.78
N ARG A 552 -0.80 -20.17 -15.68
CA ARG A 552 -1.39 -20.42 -14.34
C ARG A 552 -2.21 -19.19 -13.91
N VAL A 553 -1.63 -17.99 -14.04
CA VAL A 553 -2.20 -16.71 -13.52
C VAL A 553 -3.38 -16.25 -14.41
N TRP A 554 -3.20 -16.27 -15.73
CA TRP A 554 -4.14 -15.62 -16.69
C TRP A 554 -5.22 -16.60 -17.15
N ILE A 555 -4.94 -17.92 -17.12
CA ILE A 555 -5.86 -18.97 -17.66
C ILE A 555 -6.34 -19.84 -16.50
N GLN A 556 -5.42 -20.63 -15.93
CA GLN A 556 -5.77 -21.76 -15.03
C GLN A 556 -6.48 -21.21 -13.78
N GLU A 557 -5.91 -20.22 -13.11
CA GLU A 557 -6.39 -19.75 -11.78
C GLU A 557 -7.34 -18.54 -11.94
N ASN A 558 -7.63 -18.13 -13.17
CA ASN A 558 -8.38 -16.88 -13.49
C ASN A 558 -9.87 -17.21 -13.47
N PRO A 559 -10.64 -16.81 -12.43
CA PRO A 559 -12.06 -17.15 -12.36
C PRO A 559 -12.95 -16.54 -13.47
N TRP A 560 -12.44 -15.57 -14.25
CA TRP A 560 -13.21 -14.89 -15.32
C TRP A 560 -13.00 -15.57 -16.68
N MET A 561 -12.15 -16.60 -16.75
CA MET A 561 -11.79 -17.33 -17.99
C MET A 561 -12.47 -18.71 -17.93
N GLU A 562 -13.50 -18.94 -18.75
CA GLU A 562 -14.31 -20.19 -18.71
C GLU A 562 -13.56 -21.33 -19.43
N ASP A 563 -12.84 -21.02 -20.52
CA ASP A 563 -12.06 -22.00 -21.31
C ASP A 563 -10.61 -21.99 -20.82
N LYS A 564 -10.09 -23.16 -20.41
CA LYS A 564 -8.80 -23.29 -19.69
C LYS A 564 -7.71 -23.87 -20.62
N THR A 565 -7.88 -23.72 -21.93
CA THR A 565 -6.89 -24.16 -22.96
C THR A 565 -5.57 -23.43 -22.72
N PRO A 566 -4.47 -24.13 -22.40
CA PRO A 566 -3.21 -23.44 -22.15
C PRO A 566 -2.80 -22.70 -23.43
N VAL A 567 -2.07 -21.60 -23.26
CA VAL A 567 -1.34 -20.92 -24.36
C VAL A 567 0.02 -21.62 -24.50
N GLU A 568 0.46 -21.85 -25.74
CA GLU A 568 1.58 -22.77 -26.10
C GLU A 568 2.86 -21.98 -26.38
N SER A 569 2.77 -20.70 -26.76
CA SER A 569 3.93 -19.80 -26.97
C SER A 569 3.53 -18.34 -26.70
N TRP A 570 4.51 -17.45 -26.67
CA TRP A 570 4.29 -16.03 -26.33
C TRP A 570 3.55 -15.30 -27.47
N GLU A 571 3.66 -15.76 -28.71
CA GLU A 571 2.98 -15.08 -29.86
C GLU A 571 1.46 -15.24 -29.79
N GLU A 572 0.93 -16.24 -29.09
CA GLU A 572 -0.54 -16.37 -28.83
C GLU A 572 -1.03 -15.18 -27.98
N ILE A 573 -0.11 -14.56 -27.22
CA ILE A 573 -0.44 -13.56 -26.17
C ILE A 573 -0.37 -12.17 -26.78
N PRO A 574 -1.51 -11.45 -26.81
CA PRO A 574 -1.62 -10.20 -27.57
C PRO A 574 -1.00 -8.94 -26.95
N TYR A 575 -0.87 -7.89 -27.76
CA TYR A 575 -0.43 -6.55 -27.29
C TYR A 575 -1.61 -5.58 -27.39
N LEU A 576 -1.50 -4.44 -26.71
CA LEU A 576 -2.44 -3.30 -26.90
C LEU A 576 -2.33 -2.93 -28.38
N GLY A 577 -3.35 -2.29 -28.97
CA GLY A 577 -3.19 -1.64 -30.28
C GLY A 577 -1.97 -0.72 -30.28
N LYS A 578 -1.34 -0.54 -31.44
CA LYS A 578 -0.10 0.26 -31.55
C LYS A 578 -0.34 1.68 -31.06
N ARG A 579 -1.47 2.30 -31.41
CA ARG A 579 -1.79 3.70 -31.02
C ARG A 579 -2.05 3.74 -29.51
N GLU A 580 -2.84 2.80 -28.98
CA GLU A 580 -3.04 2.64 -27.51
C GLU A 580 -1.67 2.60 -26.82
N ASP A 581 -0.72 1.82 -27.36
CA ASP A 581 0.62 1.62 -26.75
C ASP A 581 1.33 2.96 -26.70
N GLN A 582 1.24 3.76 -27.76
CA GLN A 582 1.89 5.10 -27.83
C GLN A 582 1.22 6.06 -26.84
N TRP A 583 -0.10 6.07 -26.77
CA TRP A 583 -0.87 6.88 -25.78
C TRP A 583 -0.36 6.58 -24.37
N CYS A 584 -0.03 5.30 -24.07
CA CYS A 584 0.39 4.91 -22.69
C CYS A 584 1.90 4.94 -22.55
N GLY A 585 2.60 5.60 -23.48
CA GLY A 585 4.00 6.05 -23.31
C GLY A 585 5.05 5.35 -24.17
N SER A 586 4.65 4.36 -24.96
CA SER A 586 5.54 3.56 -25.85
C SER A 586 6.39 4.49 -26.72
N LEU A 587 7.65 4.11 -26.94
CA LEU A 587 8.58 4.78 -27.90
C LEU A 587 8.52 4.06 -29.26
N ILE A 588 7.57 3.15 -29.45
CA ILE A 588 7.35 2.48 -30.76
C ILE A 588 7.13 3.57 -31.81
N GLY A 589 7.85 3.48 -32.94
CA GLY A 589 7.78 4.50 -34.00
C GLY A 589 8.93 5.49 -34.00
N LEU A 590 9.68 5.59 -32.90
CA LEU A 590 10.86 6.47 -32.78
C LEU A 590 12.11 5.75 -33.31
N THR A 591 13.06 6.54 -33.81
CA THR A 591 14.33 6.05 -34.41
C THR A 591 15.17 5.40 -33.30
N SER A 592 15.32 6.08 -32.16
CA SER A 592 16.08 5.57 -30.98
C SER A 592 15.62 4.15 -30.62
N ARG A 593 14.31 3.90 -30.63
CA ARG A 593 13.69 2.61 -30.20
C ARG A 593 13.94 1.53 -31.25
N ALA A 594 13.83 1.87 -32.54
CA ALA A 594 14.06 0.92 -33.65
C ALA A 594 15.53 0.43 -33.63
N THR A 595 16.47 1.32 -33.31
CA THR A 595 17.93 1.02 -33.23
C THR A 595 18.17 0.11 -32.04
N TRP A 596 17.59 0.48 -30.90
CA TRP A 596 17.61 -0.31 -29.65
C TRP A 596 17.10 -1.72 -29.96
N ALA A 597 15.91 -1.85 -30.54
CA ALA A 597 15.26 -3.14 -30.87
C ALA A 597 16.13 -3.95 -31.85
N LYS A 598 16.62 -3.30 -32.89
CA LYS A 598 17.38 -3.94 -33.99
C LYS A 598 18.66 -4.55 -33.41
N ASN A 599 19.37 -3.79 -32.57
CA ASN A 599 20.73 -4.13 -32.07
C ASN A 599 20.70 -4.65 -30.63
N ILE A 600 19.61 -5.28 -30.20
CA ILE A 600 19.40 -5.63 -28.76
C ILE A 600 20.41 -6.68 -28.27
N GLN A 601 20.81 -7.61 -29.14
CA GLN A 601 21.75 -8.71 -28.83
C GLN A 601 23.11 -8.14 -28.41
N THR A 602 23.48 -6.96 -28.95
CA THR A 602 24.72 -6.24 -28.55
C THR A 602 24.59 -5.65 -27.13
N ALA A 603 23.39 -5.20 -26.75
CA ALA A 603 23.14 -4.69 -25.39
C ALA A 603 23.18 -5.87 -24.42
N ILE A 604 22.51 -6.96 -24.77
CA ILE A 604 22.53 -8.20 -23.95
C ILE A 604 23.99 -8.65 -23.72
N ASN A 605 24.80 -8.70 -24.79
CA ASN A 605 26.22 -9.14 -24.71
C ASN A 605 27.04 -8.20 -23.81
N GLN A 606 26.77 -6.90 -23.81
CA GLN A 606 27.52 -5.93 -22.96
C GLN A 606 27.36 -6.34 -21.48
N VAL A 607 26.13 -6.62 -21.06
CA VAL A 607 25.79 -7.00 -19.65
C VAL A 607 26.41 -8.39 -19.37
N ARG A 608 26.23 -9.33 -20.29
CA ARG A 608 26.82 -10.69 -20.17
C ARG A 608 28.33 -10.56 -19.90
N SER A 609 29.04 -9.72 -20.66
CA SER A 609 30.50 -9.49 -20.52
C SER A 609 30.86 -8.92 -19.14
N LEU A 610 30.04 -8.05 -18.57
CA LEU A 610 30.33 -7.39 -17.26
C LEU A 610 30.12 -8.39 -16.12
N ILE A 611 29.08 -9.22 -16.23
CA ILE A 611 28.68 -10.23 -15.20
C ILE A 611 29.68 -11.39 -15.24
N GLY A 612 29.96 -11.92 -16.43
CA GLY A 612 31.05 -12.88 -16.69
C GLY A 612 30.57 -14.16 -17.34
N ASN A 613 31.39 -15.21 -17.25
CA ASN A 613 31.19 -16.50 -17.94
C ASN A 613 30.23 -17.35 -17.10
N GLU A 614 28.94 -17.25 -17.37
CA GLU A 614 27.88 -17.94 -16.61
C GLU A 614 27.02 -18.70 -17.61
N GLU A 615 25.96 -19.38 -17.14
CA GLU A 615 25.00 -20.07 -18.02
C GLU A 615 23.83 -19.12 -18.29
N TYR A 616 23.71 -18.66 -19.55
CA TYR A 616 22.72 -17.70 -20.08
C TYR A 616 21.78 -18.37 -21.08
N THR A 617 20.49 -17.97 -21.06
CA THR A 617 19.42 -18.35 -22.03
C THR A 617 19.08 -17.16 -22.95
N ASP A 618 18.93 -17.39 -24.26
CA ASP A 618 18.46 -16.36 -25.23
C ASP A 618 16.94 -16.45 -25.35
N TYR A 619 16.22 -15.47 -24.81
CA TYR A 619 14.74 -15.40 -24.80
C TYR A 619 14.20 -14.57 -25.98
N MET A 620 15.05 -13.94 -26.77
CA MET A 620 14.60 -12.99 -27.84
C MET A 620 13.85 -13.73 -28.95
N PRO A 621 14.21 -14.97 -29.36
CA PRO A 621 13.36 -15.78 -30.27
C PRO A 621 11.93 -16.13 -29.81
N SER A 622 11.57 -15.86 -28.55
CA SER A 622 10.16 -15.92 -28.05
C SER A 622 9.28 -14.88 -28.78
N MET A 623 9.92 -13.84 -29.34
CA MET A 623 9.24 -12.76 -30.11
C MET A 623 9.39 -13.02 -31.62
N LYS A 624 8.32 -12.75 -32.37
CA LYS A 624 8.21 -13.02 -33.83
C LYS A 624 9.40 -12.45 -34.64
N ARG A 625 9.70 -11.16 -34.44
CA ARG A 625 10.70 -10.39 -35.25
C ARG A 625 12.12 -10.93 -35.01
N PHE A 626 12.39 -11.50 -33.83
CA PHE A 626 13.71 -12.11 -33.48
C PHE A 626 13.70 -13.62 -33.81
N ARG A 627 12.52 -14.21 -33.97
CA ARG A 627 12.35 -15.63 -34.39
C ARG A 627 12.82 -15.71 -35.85
N ARG A 628 14.13 -15.51 -36.08
CA ARG A 628 14.76 -15.36 -37.42
C ARG A 628 14.13 -14.17 -38.17
ZN ZN B . -2.68 1.97 -20.70
ZN ZN C . 4.53 -0.05 24.89
O1 MES D . 28.57 -2.80 -12.82
C2 MES D . 29.39 -1.70 -13.20
C3 MES D . 28.58 -0.43 -13.28
N4 MES D . 27.44 -0.59 -14.24
C5 MES D . 26.65 -1.81 -13.88
C6 MES D . 27.56 -3.01 -13.79
C7 MES D . 26.58 0.64 -14.27
C8 MES D . 25.87 0.84 -15.59
S MES D . 25.04 2.41 -15.68
O1S MES D . 25.81 3.22 -16.60
O2S MES D . 23.71 2.14 -16.19
O3S MES D . 25.02 2.93 -14.35
S DMS E . 11.45 -14.29 -20.45
O DMS E . 10.20 -14.98 -20.94
C1 DMS E . 11.75 -14.90 -18.81
C2 DMS E . 10.93 -12.65 -19.97
S DMS F . 1.68 -11.36 -31.84
O DMS F . 1.12 -11.37 -30.44
C1 DMS F . 3.43 -11.55 -31.71
C2 DMS F . 1.66 -9.66 -32.36
S DMS G . 9.72 -5.82 -7.62
O DMS G . 9.44 -7.21 -7.17
C1 DMS G . 8.30 -4.87 -7.14
C2 DMS G . 9.42 -5.82 -9.37
P PO4 H . -8.27 6.87 -6.77
O1 PO4 H . -8.44 8.03 -7.82
O2 PO4 H . -9.25 7.11 -5.59
O3 PO4 H . -8.56 5.50 -7.42
O4 PO4 H . -6.83 6.91 -6.29
P PO4 I . -14.05 -1.73 25.04
O1 PO4 I . -12.98 -0.66 24.75
O2 PO4 I . -15.42 -1.25 24.57
O3 PO4 I . -13.70 -3.02 24.30
O4 PO4 I . -14.12 -2.02 26.54
C1 PEG J . -15.64 -13.52 -8.72
O1 PEG J . -14.41 -14.21 -8.55
C2 PEG J . -16.63 -14.32 -9.51
O2 PEG J . -16.16 -14.49 -10.84
C3 PEG J . -17.06 -15.23 -11.66
C4 PEG J . -17.37 -14.46 -12.90
O4 PEG J . -17.02 -15.17 -14.08
N1 A1BDI K . 8.99 -5.91 -30.98
N A1BDI K . 7.79 -5.98 -30.39
C A1BDI K . 7.69 -4.67 -32.22
C1 A1BDI K . 6.98 -5.23 -31.13
C2 A1BDI K . 8.97 -5.13 -32.08
F A1BDI K . 7.18 -3.89 -33.20
#